data_6REN
#
_entry.id   6REN
#
_cell.length_a   44.781
_cell.length_b   66.683
_cell.length_c   70.534
_cell.angle_alpha   90.00
_cell.angle_beta   97.92
_cell.angle_gamma   90.00
#
_symmetry.space_group_name_H-M   'P 1 21 1'
#
loop_
_entity.id
_entity.type
_entity.pdbx_description
1 polymer 3fPizza6-SH
2 non-polymer 'ZINC ION'
3 non-polymer 'ISOPROPYL ALCOHOL'
4 non-polymer GLYCEROL
5 water water
#
_entity_poly.entity_id   1
_entity_poly.type   'polypeptide(L)'
_entity_poly.pdbx_seq_one_letter_code
;GSHMSNTQTVLPFTGLNTPSGVAVDSAGTVYVTDHGNNRVVKLAAGSTNQVTLPFTGLNTPHGVAVDSAGTVYVTDHGNN
RVVKLAAGSNTQTVLPFTGLNTPSGVAVDSAGTVYVTDHGNNRVVKLAAGSTNQVTLPFTGLNTPHGVAVDSAGTVYVTD
HGNNRVVKLAAGSNTQTVLPFTGLNTPSGVAVDSAGTVYVTDHGNNRVVKLAAGSTNQVTLPFTGLNTPHGVAVDSAGTV
YVTDHGNNRVVKLAAG
;
_entity_poly.pdbx_strand_id   A,B
#
loop_
_chem_comp.id
_chem_comp.type
_chem_comp.name
_chem_comp.formula
GOL non-polymer GLYCEROL 'C3 H8 O3'
IPA non-polymer 'ISOPROPYL ALCOHOL' 'C3 H8 O'
ZN non-polymer 'ZINC ION' 'Zn 2'
#
# COMPACT_ATOMS: atom_id res chain seq x y z
N SER A 5 2.20 14.77 30.59
CA SER A 5 2.72 15.74 31.56
C SER A 5 2.46 17.15 31.06
N ASN A 6 2.82 18.14 31.89
CA ASN A 6 2.83 19.54 31.47
C ASN A 6 4.27 20.03 31.27
N THR A 7 5.22 19.13 31.04
CA THR A 7 6.63 19.48 30.93
C THR A 7 6.87 20.07 29.54
N GLN A 8 6.90 21.42 29.45
CA GLN A 8 6.98 22.09 28.15
C GLN A 8 8.32 22.79 27.97
N THR A 9 8.89 22.65 26.76
CA THR A 9 10.16 23.27 26.37
C THR A 9 9.93 24.02 25.07
N VAL A 10 10.53 25.20 24.92
CA VAL A 10 10.59 25.88 23.63
C VAL A 10 11.90 25.46 22.99
N LEU A 11 11.82 24.93 21.77
N LEU A 11 11.82 24.91 21.78
CA LEU A 11 13.00 24.47 21.06
CA LEU A 11 13.04 24.47 21.10
C LEU A 11 13.80 25.67 20.54
C LEU A 11 13.82 25.66 20.54
N PRO A 12 15.13 25.58 20.54
CA PRO A 12 15.98 26.72 20.17
C PRO A 12 16.16 26.92 18.66
N PHE A 13 15.04 26.92 17.91
CA PHE A 13 15.06 27.41 16.52
C PHE A 13 15.26 28.92 16.48
N THR A 14 15.71 29.42 15.33
CA THR A 14 16.02 30.83 15.17
C THR A 14 15.51 31.35 13.84
N GLY A 15 15.01 32.58 13.85
CA GLY A 15 14.67 33.27 12.63
C GLY A 15 13.43 32.76 11.96
N LEU A 16 12.57 32.03 12.67
CA LEU A 16 11.35 31.52 12.05
C LEU A 16 10.40 32.66 11.71
N ASN A 17 9.72 32.53 10.58
CA ASN A 17 8.73 33.49 10.09
C ASN A 17 7.50 32.69 9.66
N THR A 18 6.55 32.51 10.57
CA THR A 18 5.33 31.74 10.35
C THR A 18 5.64 30.27 10.18
N PRO A 19 6.18 29.58 11.18
CA PRO A 19 6.35 28.13 11.07
C PRO A 19 4.97 27.51 10.91
N SER A 20 4.87 26.48 10.07
CA SER A 20 3.61 25.83 9.79
C SER A 20 3.69 24.32 9.96
N GLY A 21 4.23 23.62 9.00
CA GLY A 21 4.35 22.19 9.15
C GLY A 21 5.46 21.78 10.10
N VAL A 22 5.28 20.62 10.76
CA VAL A 22 6.29 20.04 11.62
C VAL A 22 6.24 18.51 11.49
N ALA A 23 7.41 17.90 11.57
CA ALA A 23 7.49 16.43 11.59
C ALA A 23 8.66 16.05 12.48
N VAL A 24 8.61 14.85 13.02
CA VAL A 24 9.69 14.32 13.85
C VAL A 24 10.02 12.91 13.35
N ASP A 25 11.31 12.59 13.33
CA ASP A 25 11.70 11.25 12.90
C ASP A 25 12.00 10.31 14.05
N SER A 26 12.41 9.08 13.72
CA SER A 26 12.66 8.07 14.73
C SER A 26 13.84 8.42 15.63
N ALA A 27 14.77 9.27 15.17
CA ALA A 27 15.88 9.78 15.98
C ALA A 27 15.51 11.01 16.79
N GLY A 28 14.29 11.51 16.68
CA GLY A 28 13.94 12.69 17.42
C GLY A 28 14.35 14.00 16.76
N THR A 29 14.82 13.96 15.51
CA THR A 29 15.07 15.21 14.80
C THR A 29 13.74 15.86 14.43
N VAL A 30 13.67 17.17 14.63
CA VAL A 30 12.45 17.94 14.40
C VAL A 30 12.63 18.77 13.14
N TYR A 31 11.71 18.62 12.19
CA TYR A 31 11.72 19.34 10.91
C TYR A 31 10.57 20.31 10.89
N VAL A 32 10.84 21.55 10.44
CA VAL A 32 9.82 22.62 10.46
C VAL A 32 9.81 23.34 9.12
N THR A 33 8.62 23.52 8.54
N THR A 33 8.61 23.57 8.60
CA THR A 33 8.52 24.40 7.37
CA THR A 33 8.46 24.40 7.43
C THR A 33 8.35 25.84 7.82
C THR A 33 8.35 25.85 7.86
N ASP A 34 9.33 26.65 7.46
CA ASP A 34 9.39 28.06 7.81
C ASP A 34 8.68 28.78 6.66
N HIS A 35 7.34 28.82 6.76
CA HIS A 35 6.44 29.13 5.64
C HIS A 35 6.75 30.49 5.02
N GLY A 36 6.98 31.51 5.86
CA GLY A 36 7.21 32.83 5.33
C GLY A 36 8.62 33.07 4.83
N ASN A 37 9.54 32.16 5.13
CA ASN A 37 10.92 32.24 4.65
C ASN A 37 11.24 31.24 3.54
N ASN A 38 10.23 30.51 3.06
CA ASN A 38 10.40 29.61 1.92
C ASN A 38 11.55 28.64 2.15
N ARG A 39 11.63 28.06 3.35
CA ARG A 39 12.70 27.13 3.69
C ARG A 39 12.19 26.10 4.67
N VAL A 40 12.92 25.00 4.76
CA VAL A 40 12.69 23.93 5.72
C VAL A 40 13.94 23.82 6.58
N VAL A 41 13.75 23.82 7.90
CA VAL A 41 14.85 23.76 8.85
C VAL A 41 14.67 22.54 9.77
N LYS A 42 15.77 22.13 10.41
CA LYS A 42 15.74 20.98 11.32
C LYS A 42 16.63 21.22 12.53
N LEU A 43 16.29 20.53 13.61
CA LEU A 43 17.09 20.51 14.82
C LEU A 43 17.15 19.06 15.32
N ALA A 44 18.35 18.51 15.41
CA ALA A 44 18.50 17.17 15.97
C ALA A 44 18.15 17.17 17.46
N ALA A 45 17.79 15.99 17.98
CA ALA A 45 17.48 15.86 19.40
C ALA A 45 18.65 16.32 20.24
N GLY A 46 18.39 17.27 21.16
CA GLY A 46 19.40 17.81 22.03
C GLY A 46 20.36 18.77 21.39
N SER A 47 20.21 19.06 20.10
CA SER A 47 21.11 19.93 19.39
C SER A 47 20.74 21.37 19.64
N THR A 48 21.74 22.23 19.57
CA THR A 48 21.52 23.66 19.62
C THR A 48 21.68 24.33 18.25
N ASN A 49 21.95 23.56 17.21
CA ASN A 49 22.39 24.08 15.92
C ASN A 49 21.31 23.77 14.86
N GLN A 50 20.47 24.75 14.55
CA GLN A 50 19.49 24.59 13.48
C GLN A 50 20.20 24.51 12.13
N VAL A 51 19.71 23.63 11.25
CA VAL A 51 20.27 23.43 9.91
C VAL A 51 19.17 23.70 8.89
N THR A 52 19.47 24.45 7.84
CA THR A 52 18.55 24.61 6.72
C THR A 52 18.76 23.49 5.71
N LEU A 53 17.69 22.79 5.36
N LEU A 53 17.69 22.79 5.36
CA LEU A 53 17.79 21.75 4.33
CA LEU A 53 17.77 21.76 4.33
C LEU A 53 17.95 22.40 2.95
C LEU A 53 17.94 22.41 2.97
N PRO A 54 18.73 21.80 2.07
CA PRO A 54 19.01 22.42 0.77
C PRO A 54 17.93 22.29 -0.30
N PHE A 55 16.66 22.53 0.07
CA PHE A 55 15.62 22.74 -0.94
C PHE A 55 15.88 24.07 -1.64
N THR A 56 15.32 24.25 -2.82
CA THR A 56 15.37 25.54 -3.52
C THR A 56 14.05 25.78 -4.25
N GLY A 57 13.76 27.05 -4.50
CA GLY A 57 12.61 27.37 -5.33
C GLY A 57 11.28 27.20 -4.66
N LEU A 58 11.23 27.19 -3.33
CA LEU A 58 9.95 27.03 -2.62
C LEU A 58 9.20 28.35 -2.56
N ASN A 59 7.87 28.24 -2.53
CA ASN A 59 7.01 29.40 -2.33
C ASN A 59 5.89 28.98 -1.39
N THR A 60 5.91 29.50 -0.16
CA THR A 60 5.00 29.09 0.90
C THR A 60 4.96 27.56 1.09
N PRO A 61 6.09 26.94 1.39
CA PRO A 61 6.08 25.52 1.76
C PRO A 61 5.27 25.33 3.03
N HIS A 62 4.60 24.18 3.13
CA HIS A 62 3.59 24.05 4.18
C HIS A 62 3.74 22.69 4.89
N GLY A 63 3.23 21.61 4.35
CA GLY A 63 3.39 20.34 5.04
C GLY A 63 4.79 19.77 4.87
N VAL A 64 5.23 19.00 5.87
CA VAL A 64 6.53 18.32 5.82
C VAL A 64 6.33 16.91 6.39
N ALA A 65 7.07 15.95 5.84
CA ALA A 65 7.07 14.58 6.32
C ALA A 65 8.48 14.02 6.17
N VAL A 66 8.77 12.95 6.91
N VAL A 66 8.79 13.00 6.97
CA VAL A 66 10.09 12.31 6.90
CA VAL A 66 10.07 12.31 6.91
C VAL A 66 9.92 10.81 6.98
C VAL A 66 9.81 10.82 6.90
N ASP A 67 10.55 10.09 6.06
CA ASP A 67 10.39 8.64 6.03
C ASP A 67 11.45 7.93 6.88
N SER A 68 11.37 6.57 6.91
CA SER A 68 12.27 5.82 7.76
C SER A 68 13.72 5.87 7.32
N ALA A 69 14.01 6.32 6.09
CA ALA A 69 15.37 6.52 5.62
C ALA A 69 15.86 7.95 5.80
N GLY A 70 15.02 8.84 6.34
CA GLY A 70 15.41 10.23 6.49
C GLY A 70 15.19 11.12 5.29
N THR A 71 14.53 10.63 4.25
CA THR A 71 14.13 11.51 3.15
C THR A 71 13.02 12.41 3.62
N VAL A 72 13.15 13.68 3.28
CA VAL A 72 12.21 14.72 3.69
C VAL A 72 11.36 15.13 2.51
N TYR A 73 10.04 15.28 2.73
CA TYR A 73 9.07 15.63 1.71
C TYR A 73 8.39 16.92 2.15
N VAL A 74 8.17 17.84 1.21
N VAL A 74 8.20 17.85 1.22
CA VAL A 74 7.58 19.15 1.52
CA VAL A 74 7.53 19.10 1.56
C VAL A 74 6.52 19.49 0.48
C VAL A 74 6.48 19.42 0.50
N THR A 75 5.37 20.00 0.94
CA THR A 75 4.39 20.56 0.01
C THR A 75 4.75 21.99 -0.31
N ASP A 76 4.94 22.29 -1.58
CA ASP A 76 5.36 23.62 -1.99
C ASP A 76 4.15 24.27 -2.65
N HIS A 77 3.19 24.77 -1.83
CA HIS A 77 1.87 25.04 -2.42
C HIS A 77 1.84 26.21 -3.37
N GLY A 78 2.73 27.21 -3.23
CA GLY A 78 2.76 28.27 -4.22
C GLY A 78 3.10 27.78 -5.61
N ASN A 79 3.78 26.64 -5.72
CA ASN A 79 4.16 26.05 -7.00
C ASN A 79 3.39 24.77 -7.32
N ASN A 80 2.35 24.47 -6.57
CA ASN A 80 1.47 23.30 -6.81
C ASN A 80 2.28 22.02 -7.00
N ARG A 81 3.23 21.76 -6.09
CA ARG A 81 4.10 20.61 -6.27
C ARG A 81 4.55 20.10 -4.90
N VAL A 82 5.06 18.87 -4.90
CA VAL A 82 5.61 18.18 -3.72
C VAL A 82 7.05 17.83 -4.06
N VAL A 83 7.97 18.17 -3.16
N VAL A 83 7.98 18.19 -3.20
CA VAL A 83 9.40 18.04 -3.41
CA VAL A 83 9.39 17.95 -3.50
C VAL A 83 10.00 17.14 -2.34
C VAL A 83 10.02 17.16 -2.37
N LYS A 84 10.99 16.32 -2.72
CA LYS A 84 11.68 15.52 -1.73
C LYS A 84 13.18 15.66 -1.83
N LEU A 85 13.84 15.45 -0.69
N LEU A 85 13.85 15.34 -0.73
CA LEU A 85 15.30 15.48 -0.60
CA LEU A 85 15.28 15.47 -0.65
C LEU A 85 15.73 14.28 0.21
C LEU A 85 15.80 14.34 0.21
N ALA A 86 16.59 13.45 -0.38
CA ALA A 86 17.21 12.38 0.40
C ALA A 86 18.19 12.98 1.43
N ALA A 87 18.31 12.31 2.58
CA ALA A 87 19.22 12.77 3.61
C ALA A 87 20.63 12.82 3.05
N GLY A 88 21.31 13.97 3.26
CA GLY A 88 22.66 14.18 2.77
C GLY A 88 22.79 14.60 1.33
N SER A 89 21.69 14.68 0.57
CA SER A 89 21.72 14.98 -0.86
C SER A 89 21.56 16.49 -1.12
N ASN A 90 22.07 16.93 -2.28
CA ASN A 90 21.91 18.30 -2.82
C ASN A 90 21.06 18.39 -4.08
N THR A 91 20.49 17.30 -4.55
CA THR A 91 19.51 17.37 -5.62
C THR A 91 18.14 17.03 -5.07
N GLN A 92 17.21 17.98 -5.23
CA GLN A 92 15.82 17.76 -4.83
C GLN A 92 15.03 17.17 -6.01
N THR A 93 14.00 16.37 -5.70
CA THR A 93 13.19 15.73 -6.73
C THR A 93 11.73 16.20 -6.60
N VAL A 94 11.15 16.65 -7.70
CA VAL A 94 9.74 17.02 -7.78
C VAL A 94 8.96 15.75 -8.15
N LEU A 95 8.05 15.34 -7.26
CA LEU A 95 7.33 14.10 -7.46
C LEU A 95 6.32 14.25 -8.59
N PRO A 96 5.96 13.14 -9.26
CA PRO A 96 5.07 13.21 -10.42
C PRO A 96 3.58 13.28 -10.07
N PHE A 97 3.18 14.05 -9.06
CA PHE A 97 1.77 14.37 -8.89
C PHE A 97 1.27 15.26 -10.03
N THR A 98 -0.02 15.17 -10.33
CA THR A 98 -0.59 15.95 -11.42
C THR A 98 -1.84 16.66 -10.96
N GLY A 99 -1.98 17.91 -11.40
CA GLY A 99 -3.20 18.64 -11.16
C GLY A 99 -3.40 19.09 -9.72
N LEU A 100 -2.32 19.21 -8.93
CA LEU A 100 -2.48 19.68 -7.56
C LEU A 100 -2.89 21.14 -7.58
N ASN A 101 -3.69 21.52 -6.59
CA ASN A 101 -4.15 22.90 -6.42
C ASN A 101 -3.97 23.23 -4.95
N THR A 102 -2.91 23.97 -4.62
N THR A 102 -2.92 24.00 -4.65
CA THR A 102 -2.58 24.39 -3.26
CA THR A 102 -2.55 24.40 -3.30
C THR A 102 -2.42 23.21 -2.32
C THR A 102 -2.42 23.22 -2.32
N PRO A 103 -1.55 22.25 -2.61
CA PRO A 103 -1.38 21.10 -1.71
C PRO A 103 -0.84 21.54 -0.34
N SER A 104 -1.47 21.08 0.74
CA SER A 104 -1.13 21.55 2.09
C SER A 104 -0.39 20.54 2.92
N GLY A 105 -0.75 19.29 2.87
CA GLY A 105 -0.18 18.30 3.78
C GLY A 105 0.44 17.15 3.02
N VAL A 106 1.43 16.54 3.62
CA VAL A 106 2.09 15.36 3.08
C VAL A 106 2.40 14.39 4.22
N ALA A 107 2.27 13.09 3.92
CA ALA A 107 2.62 12.03 4.84
C ALA A 107 3.26 10.92 4.03
N VAL A 108 4.09 10.11 4.69
N VAL A 108 4.11 10.12 4.67
CA VAL A 108 4.77 9.00 4.01
CA VAL A 108 4.76 8.99 4.02
C VAL A 108 4.74 7.78 4.92
C VAL A 108 4.65 7.79 4.94
N ASP A 109 4.29 6.63 4.38
CA ASP A 109 4.16 5.43 5.19
C ASP A 109 5.45 4.59 5.15
N SER A 110 5.45 3.48 5.88
CA SER A 110 6.66 2.65 6.00
C SER A 110 7.07 1.97 4.69
N ALA A 111 6.19 1.94 3.69
CA ALA A 111 6.52 1.42 2.36
C ALA A 111 6.96 2.53 1.42
N GLY A 112 7.03 3.78 1.91
CA GLY A 112 7.40 4.87 1.05
C GLY A 112 6.30 5.46 0.19
N THR A 113 5.04 5.04 0.40
CA THR A 113 3.94 5.69 -0.31
C THR A 113 3.75 7.10 0.25
N VAL A 114 3.54 8.06 -0.66
CA VAL A 114 3.43 9.47 -0.32
C VAL A 114 1.98 9.89 -0.51
N TYR A 115 1.39 10.46 0.53
CA TYR A 115 0.00 10.90 0.56
C TYR A 115 -0.06 12.42 0.65
N VAL A 116 -0.91 13.06 -0.14
CA VAL A 116 -0.98 14.51 -0.17
C VAL A 116 -2.42 14.97 -0.05
N THR A 117 -2.65 15.96 0.82
CA THR A 117 -3.94 16.65 0.85
C THR A 117 -3.94 17.74 -0.21
N ASP A 118 -4.73 17.51 -1.26
CA ASP A 118 -4.83 18.43 -2.39
C ASP A 118 -5.94 19.41 -2.03
N HIS A 119 -5.58 20.36 -1.16
CA HIS A 119 -6.50 21.21 -0.41
C HIS A 119 -7.52 21.90 -1.34
N GLY A 120 -7.04 22.49 -2.43
CA GLY A 120 -7.92 23.21 -3.32
C GLY A 120 -8.80 22.34 -4.18
N ASN A 121 -8.51 21.04 -4.29
CA ASN A 121 -9.30 20.15 -5.11
C ASN A 121 -10.12 19.18 -4.28
N ASN A 122 -10.18 19.35 -2.95
CA ASN A 122 -11.11 18.55 -2.15
C ASN A 122 -10.83 17.05 -2.29
N ARG A 123 -9.56 16.66 -2.30
CA ARG A 123 -9.22 15.25 -2.42
C ARG A 123 -7.88 14.96 -1.76
N VAL A 124 -7.65 13.68 -1.52
CA VAL A 124 -6.36 13.17 -1.06
C VAL A 124 -5.85 12.22 -2.12
N VAL A 125 -4.59 12.40 -2.50
CA VAL A 125 -4.00 11.58 -3.55
C VAL A 125 -2.74 10.89 -3.01
N LYS A 126 -2.31 9.82 -3.68
CA LYS A 126 -1.09 9.16 -3.25
C LYS A 126 -0.30 8.66 -4.45
N LEU A 127 1.02 8.49 -4.24
CA LEU A 127 1.95 7.84 -5.18
C LEU A 127 2.74 6.79 -4.44
N ALA A 128 2.73 5.56 -4.95
CA ALA A 128 3.65 4.57 -4.40
C ALA A 128 5.08 4.97 -4.76
N ALA A 129 6.04 4.45 -3.98
CA ALA A 129 7.44 4.79 -4.19
C ALA A 129 7.85 4.41 -5.60
N GLY A 130 8.46 5.36 -6.30
CA GLY A 130 8.90 5.13 -7.68
C GLY A 130 7.80 5.05 -8.73
N SER A 131 6.54 5.28 -8.39
CA SER A 131 5.47 5.19 -9.36
C SER A 131 5.11 6.58 -9.89
N THR A 132 4.57 6.63 -11.11
CA THR A 132 3.88 7.82 -11.61
C THR A 132 2.35 7.65 -11.63
N ASN A 133 1.83 6.59 -11.02
CA ASN A 133 0.40 6.33 -11.09
C ASN A 133 -0.26 6.99 -9.87
N GLN A 134 -0.72 8.24 -10.02
CA GLN A 134 -1.41 8.95 -8.93
C GLN A 134 -2.78 8.36 -8.73
N VAL A 135 -3.09 8.01 -7.47
CA VAL A 135 -4.37 7.37 -7.12
C VAL A 135 -5.08 8.29 -6.15
N THR A 136 -6.39 8.50 -6.34
CA THR A 136 -7.21 9.26 -5.42
C THR A 136 -7.80 8.32 -4.37
N LEU A 137 -7.57 8.64 -3.09
CA LEU A 137 -8.10 7.78 -2.02
C LEU A 137 -9.62 7.96 -1.93
N PRO A 138 -10.35 6.89 -1.61
CA PRO A 138 -11.82 6.92 -1.66
C PRO A 138 -12.47 7.50 -0.39
N PHE A 139 -11.98 8.67 0.04
CA PHE A 139 -12.74 9.50 0.95
C PHE A 139 -14.01 9.98 0.26
N THR A 140 -14.94 10.50 1.05
CA THR A 140 -16.24 10.94 0.57
C THR A 140 -16.44 12.41 0.91
N GLY A 141 -16.71 13.23 -0.10
CA GLY A 141 -17.24 14.57 0.16
C GLY A 141 -16.33 15.48 0.95
N LEU A 142 -15.02 15.45 0.68
CA LEU A 142 -14.11 16.33 1.42
C LEU A 142 -14.30 17.79 0.98
N ASN A 143 -13.93 18.70 1.86
CA ASN A 143 -14.00 20.13 1.58
C ASN A 143 -12.77 20.76 2.22
N THR A 144 -11.82 21.24 1.39
CA THR A 144 -10.51 21.75 1.79
C THR A 144 -9.82 20.87 2.84
N PRO A 145 -9.57 19.61 2.51
CA PRO A 145 -8.76 18.77 3.41
C PRO A 145 -7.35 19.34 3.55
N HIS A 146 -6.84 19.37 4.77
CA HIS A 146 -5.69 20.21 5.11
C HIS A 146 -4.52 19.40 5.62
N GLY A 147 -4.62 18.80 6.80
CA GLY A 147 -3.57 17.99 7.38
C GLY A 147 -3.80 16.53 7.05
N VAL A 148 -2.70 15.79 6.96
CA VAL A 148 -2.77 14.37 6.70
C VAL A 148 -1.71 13.65 7.53
N ALA A 149 -2.05 12.46 8.03
CA ALA A 149 -1.10 11.60 8.73
C ALA A 149 -1.44 10.16 8.35
N VAL A 150 -0.45 9.29 8.42
CA VAL A 150 -0.65 7.87 8.18
C VAL A 150 -0.01 7.09 9.32
N ASP A 151 -0.72 6.07 9.83
CA ASP A 151 -0.18 5.33 10.95
C ASP A 151 0.57 4.08 10.48
N SER A 152 1.06 3.28 11.43
CA SER A 152 1.85 2.11 11.10
C SER A 152 1.03 1.03 10.39
N ALA A 153 -0.30 1.09 10.49
CA ALA A 153 -1.15 0.14 9.80
C ALA A 153 -1.66 0.67 8.46
N GLY A 154 -1.19 1.84 8.01
CA GLY A 154 -1.68 2.37 6.76
C GLY A 154 -2.99 3.12 6.83
N THR A 155 -3.56 3.35 8.01
CA THR A 155 -4.76 4.16 8.10
C THR A 155 -4.37 5.61 7.86
N VAL A 156 -5.18 6.33 7.08
CA VAL A 156 -4.91 7.71 6.70
C VAL A 156 -5.91 8.63 7.42
N TYR A 157 -5.41 9.69 8.06
CA TYR A 157 -6.20 10.60 8.88
C TYR A 157 -6.11 11.98 8.24
N VAL A 158 -7.24 12.68 8.13
CA VAL A 158 -7.29 13.95 7.41
C VAL A 158 -8.11 14.97 8.20
N THR A 159 -7.60 16.19 8.31
CA THR A 159 -8.41 17.31 8.83
C THR A 159 -9.20 17.94 7.68
N ASP A 160 -10.47 17.61 7.63
CA ASP A 160 -11.38 18.01 6.55
C ASP A 160 -12.07 19.31 6.96
N HIS A 161 -11.29 20.41 7.03
CA HIS A 161 -11.76 21.56 7.81
C HIS A 161 -12.90 22.32 7.14
N GLY A 162 -13.09 22.23 5.83
CA GLY A 162 -14.25 22.84 5.21
C GLY A 162 -15.56 22.21 5.67
N ASN A 163 -15.49 20.98 6.22
CA ASN A 163 -16.59 20.31 6.88
C ASN A 163 -16.40 20.25 8.38
N ASN A 164 -15.46 21.03 8.93
CA ASN A 164 -15.18 21.08 10.36
C ASN A 164 -15.10 19.70 11.01
N ARG A 165 -14.29 18.79 10.45
CA ARG A 165 -14.27 17.43 10.97
C ARG A 165 -12.92 16.79 10.66
N VAL A 166 -12.67 15.66 11.33
CA VAL A 166 -11.47 14.83 11.14
C VAL A 166 -11.97 13.46 10.71
N VAL A 167 -11.46 12.96 9.60
CA VAL A 167 -11.89 11.66 9.07
C VAL A 167 -10.69 10.72 8.98
N LYS A 168 -10.99 9.42 8.97
CA LYS A 168 -9.94 8.43 8.80
C LYS A 168 -10.42 7.34 7.83
N LEU A 169 -9.47 6.71 7.16
CA LEU A 169 -9.77 5.67 6.18
C LEU A 169 -8.76 4.55 6.36
N ALA A 170 -9.23 3.36 6.69
CA ALA A 170 -8.33 2.22 6.86
C ALA A 170 -7.81 1.74 5.49
N ALA A 171 -6.61 1.18 5.49
CA ALA A 171 -6.04 0.68 4.25
C ALA A 171 -6.97 -0.36 3.62
N GLY A 172 -7.26 -0.14 2.34
CA GLY A 172 -8.14 -1.01 1.57
C GLY A 172 -9.61 -0.71 1.73
N SER A 173 -9.99 0.19 2.64
CA SER A 173 -11.39 0.48 2.87
C SER A 173 -11.91 1.50 1.86
N ASN A 174 -13.20 1.38 1.54
N ASN A 174 -13.19 1.40 1.54
CA ASN A 174 -13.90 2.38 0.74
CA ASN A 174 -13.86 2.43 0.75
C ASN A 174 -14.83 3.26 1.58
C ASN A 174 -14.87 3.21 1.57
N THR A 175 -14.82 3.10 2.90
CA THR A 175 -15.76 3.82 3.77
C THR A 175 -15.01 4.50 4.92
N GLN A 176 -14.96 5.83 4.88
CA GLN A 176 -14.30 6.59 5.92
C GLN A 176 -15.13 6.57 7.21
N THR A 177 -14.47 6.90 8.32
CA THR A 177 -15.10 7.11 9.62
C THR A 177 -14.83 8.55 10.05
N VAL A 178 -15.83 9.21 10.61
CA VAL A 178 -15.65 10.56 11.16
C VAL A 178 -15.31 10.39 12.63
N LEU A 179 -14.20 10.95 13.05
CA LEU A 179 -13.78 10.78 14.44
C LEU A 179 -14.55 11.73 15.36
N PRO A 180 -14.92 11.28 16.57
CA PRO A 180 -15.84 12.06 17.42
C PRO A 180 -15.16 13.13 18.28
N PHE A 181 -14.43 14.04 17.63
CA PHE A 181 -13.86 15.17 18.34
C PHE A 181 -14.98 16.12 18.79
N THR A 182 -14.70 16.84 19.86
CA THR A 182 -15.65 17.73 20.51
C THR A 182 -15.18 19.17 20.36
N GLY A 183 -16.09 20.05 19.97
CA GLY A 183 -15.85 21.47 20.02
C GLY A 183 -14.83 22.01 19.03
N LEU A 184 -14.49 21.26 17.96
CA LEU A 184 -13.50 21.76 17.01
C LEU A 184 -13.97 23.03 16.34
N ASN A 185 -12.99 23.84 15.96
CA ASN A 185 -13.23 24.98 15.07
C ASN A 185 -12.10 25.06 14.06
N THR A 186 -12.27 24.42 12.93
CA THR A 186 -11.37 24.53 11.79
C THR A 186 -10.00 23.88 12.07
N PRO A 187 -9.95 22.55 12.17
CA PRO A 187 -8.69 21.88 12.49
C PRO A 187 -7.65 21.98 11.37
N SER A 188 -6.37 22.04 11.79
CA SER A 188 -5.25 22.13 10.83
C SER A 188 -4.36 20.89 10.93
N GLY A 189 -3.33 20.86 11.76
CA GLY A 189 -2.46 19.70 11.81
C GLY A 189 -3.14 18.49 12.43
N VAL A 190 -2.68 17.32 12.01
CA VAL A 190 -3.03 16.07 12.62
C VAL A 190 -1.78 15.20 12.71
N ALA A 191 -1.70 14.38 13.77
CA ALA A 191 -0.62 13.42 13.97
C ALA A 191 -1.18 12.21 14.68
N VAL A 192 -0.50 11.08 14.56
CA VAL A 192 -0.95 9.85 15.18
C VAL A 192 0.24 9.12 15.80
N ASP A 193 0.08 8.64 17.04
CA ASP A 193 1.17 7.96 17.72
C ASP A 193 1.11 6.44 17.46
N SER A 194 2.09 5.70 18.05
CA SER A 194 2.19 4.27 17.85
C SER A 194 1.04 3.50 18.48
N ALA A 195 0.31 4.12 19.41
CA ALA A 195 -0.88 3.51 19.99
C ALA A 195 -2.15 3.89 19.23
N GLY A 196 -2.05 4.64 18.13
CA GLY A 196 -3.23 5.08 17.40
C GLY A 196 -3.93 6.26 18.00
N THR A 197 -3.35 6.92 18.99
CA THR A 197 -3.96 8.15 19.49
C THR A 197 -3.78 9.25 18.46
N VAL A 198 -4.87 10.01 18.22
CA VAL A 198 -4.91 11.04 17.17
C VAL A 198 -4.81 12.41 17.82
N TYR A 199 -3.87 13.23 17.36
CA TYR A 199 -3.62 14.56 17.90
C TYR A 199 -4.01 15.56 16.83
N VAL A 200 -4.74 16.61 17.21
CA VAL A 200 -5.24 17.58 16.25
C VAL A 200 -5.02 18.99 16.77
N THR A 201 -4.48 19.87 15.91
CA THR A 201 -4.47 21.29 16.24
C THR A 201 -5.84 21.87 15.93
N ASP A 202 -6.55 22.27 16.97
CA ASP A 202 -7.87 22.86 16.81
C ASP A 202 -7.63 24.35 16.65
N HIS A 203 -7.35 24.74 15.39
CA HIS A 203 -6.74 26.03 15.10
C HIS A 203 -7.61 27.19 15.56
N GLY A 204 -8.92 27.09 15.35
CA GLY A 204 -9.81 28.17 15.69
C GLY A 204 -10.04 28.31 17.16
N ASN A 205 -9.62 27.33 17.96
CA ASN A 205 -9.67 27.44 19.41
C ASN A 205 -8.31 27.56 20.06
N ASN A 206 -7.25 27.71 19.25
CA ASN A 206 -5.90 27.99 19.77
C ASN A 206 -5.44 26.89 20.74
N ARG A 207 -5.73 25.63 20.43
CA ARG A 207 -5.41 24.54 21.34
C ARG A 207 -5.08 23.29 20.55
N VAL A 208 -4.50 22.31 21.25
CA VAL A 208 -4.19 21.00 20.67
C VAL A 208 -4.90 19.96 21.51
N VAL A 209 -5.63 19.07 20.84
CA VAL A 209 -6.43 18.06 21.53
C VAL A 209 -6.03 16.67 21.05
N LYS A 210 -6.45 15.65 21.81
CA LYS A 210 -6.14 14.29 21.42
C LYS A 210 -7.31 13.38 21.75
N LEU A 211 -7.39 12.31 21.00
CA LEU A 211 -8.43 11.31 21.13
C LEU A 211 -7.78 9.93 20.92
N ALA A 212 -7.77 9.11 21.96
CA ALA A 212 -7.27 7.76 21.81
C ALA A 212 -8.13 6.99 20.82
N ALA A 213 -7.52 5.96 20.21
CA ALA A 213 -8.18 5.20 19.16
C ALA A 213 -9.51 4.66 19.64
N GLY A 214 -10.55 4.92 18.86
CA GLY A 214 -11.85 4.39 19.13
C GLY A 214 -12.53 5.01 20.32
N SER A 215 -11.94 6.04 20.94
CA SER A 215 -12.46 6.61 22.17
C SER A 215 -13.19 7.93 21.89
N THR A 216 -14.09 8.29 22.81
CA THR A 216 -14.76 9.59 22.76
C THR A 216 -14.23 10.57 23.79
N ASN A 217 -13.25 10.18 24.60
CA ASN A 217 -12.78 11.00 25.71
C ASN A 217 -11.68 11.93 25.25
N GLN A 218 -12.06 13.10 24.77
CA GLN A 218 -11.07 14.05 24.26
C GLN A 218 -10.33 14.73 25.41
N VAL A 219 -9.02 14.96 25.24
CA VAL A 219 -8.18 15.64 26.22
C VAL A 219 -7.52 16.83 25.53
N THR A 220 -7.55 17.99 26.17
CA THR A 220 -6.78 19.13 25.72
C THR A 220 -5.37 19.00 26.28
N LEU A 221 -4.36 19.06 25.41
N LEU A 221 -4.38 19.07 25.41
CA LEU A 221 -3.00 18.95 25.87
CA LEU A 221 -3.00 18.95 25.87
C LEU A 221 -2.61 20.19 26.68
C LEU A 221 -2.60 20.18 26.68
N PRO A 222 -1.95 20.02 27.84
CA PRO A 222 -1.66 21.17 28.72
C PRO A 222 -0.44 21.99 28.30
N PHE A 223 -0.48 22.50 27.08
CA PHE A 223 0.46 23.52 26.67
C PHE A 223 0.10 24.80 27.38
N THR A 224 1.12 25.64 27.59
CA THR A 224 0.89 26.96 28.16
C THR A 224 1.44 28.03 27.22
N GLY A 225 0.74 29.15 27.17
CA GLY A 225 1.21 30.26 26.38
C GLY A 225 1.09 30.10 24.89
N LEU A 226 0.35 29.09 24.40
CA LEU A 226 0.08 28.97 22.98
C LEU A 226 -0.61 30.23 22.50
N ASN A 227 -0.18 30.73 21.36
CA ASN A 227 -0.77 31.91 20.73
C ASN A 227 -1.59 31.46 19.54
N THR A 228 -0.96 31.05 18.42
CA THR A 228 -1.68 30.55 17.24
C THR A 228 -1.03 29.24 16.79
N PRO A 229 -1.30 28.14 17.48
CA PRO A 229 -0.72 26.84 17.07
C PRO A 229 -1.28 26.40 15.73
N HIS A 230 -0.48 25.60 14.99
CA HIS A 230 -0.85 25.23 13.64
C HIS A 230 -0.55 23.76 13.34
N GLY A 231 0.72 23.38 13.30
CA GLY A 231 1.10 22.02 12.99
C GLY A 231 1.35 21.22 14.26
N VAL A 232 1.23 19.89 14.15
CA VAL A 232 1.49 19.01 15.29
C VAL A 232 2.20 17.74 14.82
N ALA A 233 3.07 17.21 15.67
CA ALA A 233 3.77 15.95 15.41
C ALA A 233 3.96 15.25 16.76
N VAL A 234 4.11 13.92 16.73
CA VAL A 234 4.31 13.16 17.96
C VAL A 234 5.41 12.12 17.72
N ASP A 235 6.33 11.97 18.68
CA ASP A 235 7.45 11.03 18.51
C ASP A 235 7.15 9.67 19.15
N SER A 236 8.12 8.75 19.03
CA SER A 236 7.93 7.39 19.51
C SER A 236 7.79 7.32 21.04
N ALA A 237 8.21 8.34 21.78
CA ALA A 237 8.02 8.40 23.22
C ALA A 237 6.74 9.14 23.60
N GLY A 238 5.95 9.58 22.63
CA GLY A 238 4.74 10.31 22.95
C GLY A 238 4.93 11.79 23.20
N THR A 239 6.14 12.31 22.96
CA THR A 239 6.35 13.76 23.09
C THR A 239 5.69 14.45 21.91
N VAL A 240 4.98 15.56 22.16
CA VAL A 240 4.20 16.27 21.14
C VAL A 240 4.91 17.57 20.82
N TYR A 241 4.98 17.90 19.52
CA TYR A 241 5.65 19.09 19.01
C TYR A 241 4.61 19.91 18.26
N VAL A 242 4.57 21.21 18.51
CA VAL A 242 3.57 22.09 17.91
C VAL A 242 4.25 23.36 17.39
N THR A 243 3.89 23.75 16.16
CA THR A 243 4.33 25.05 15.64
C THR A 243 3.34 26.12 16.04
N ASP A 244 3.86 27.30 16.35
CA ASP A 244 3.02 28.42 16.77
C ASP A 244 3.43 29.60 15.91
N HIS A 245 2.61 29.97 14.93
CA HIS A 245 2.94 31.12 14.08
C HIS A 245 2.42 32.44 14.64
N GLY A 246 1.81 32.44 15.82
CA GLY A 246 1.52 33.70 16.48
C GLY A 246 2.73 34.29 17.16
N ASN A 247 3.61 33.43 17.70
CA ASN A 247 4.84 33.90 18.32
C ASN A 247 6.08 33.29 17.69
N ASN A 248 5.96 32.65 16.53
CA ASN A 248 7.09 32.13 15.75
C ASN A 248 7.99 31.20 16.55
N ARG A 249 7.38 30.16 17.14
N ARG A 249 7.38 30.16 17.14
CA ARG A 249 8.16 29.21 17.92
CA ARG A 249 8.18 29.21 17.91
C ARG A 249 7.62 27.81 17.75
C ARG A 249 7.61 27.81 17.78
N VAL A 250 8.44 26.85 18.19
CA VAL A 250 8.11 25.44 18.19
C VAL A 250 8.27 24.96 19.62
N VAL A 251 7.21 24.35 20.13
CA VAL A 251 7.15 23.92 21.53
C VAL A 251 7.01 22.41 21.59
N LYS A 252 7.63 21.79 22.59
CA LYS A 252 7.44 20.38 22.82
C LYS A 252 6.92 20.13 24.24
N LEU A 253 6.12 19.07 24.35
CA LEU A 253 5.44 18.70 25.58
C LEU A 253 5.66 17.20 25.77
N ALA A 254 6.31 16.82 26.87
CA ALA A 254 6.51 15.40 27.15
C ALA A 254 5.20 14.71 27.52
N ALA A 255 5.14 13.42 27.26
CA ALA A 255 3.94 12.62 27.51
C ALA A 255 3.51 12.60 28.98
N GLN B 8 16.51 -7.56 -12.83
CA GLN B 8 15.08 -7.55 -13.34
C GLN B 8 15.02 -7.58 -14.87
N THR B 9 14.15 -8.42 -15.47
CA THR B 9 14.01 -8.53 -16.93
C THR B 9 12.53 -8.38 -17.29
N VAL B 10 12.24 -7.61 -18.31
CA VAL B 10 10.89 -7.50 -18.84
C VAL B 10 10.72 -8.53 -19.96
N LEU B 11 9.68 -9.36 -19.85
CA LEU B 11 9.50 -10.40 -20.86
C LEU B 11 8.93 -9.79 -22.14
N PRO B 12 9.31 -10.32 -23.29
CA PRO B 12 8.90 -9.76 -24.58
C PRO B 12 7.51 -10.17 -25.07
N PHE B 13 6.52 -10.04 -24.20
CA PHE B 13 5.14 -10.19 -24.64
C PHE B 13 4.74 -8.97 -25.46
N THR B 14 3.74 -9.14 -26.33
CA THR B 14 3.30 -8.07 -27.20
C THR B 14 1.78 -8.01 -27.18
N GLY B 15 1.24 -6.80 -27.29
CA GLY B 15 -0.19 -6.60 -27.40
C GLY B 15 -1.02 -6.93 -26.18
N LEU B 16 -0.42 -6.96 -25.00
CA LEU B 16 -1.21 -7.21 -23.80
C LEU B 16 -2.07 -6.01 -23.43
N ASN B 17 -3.25 -6.30 -22.91
CA ASN B 17 -4.14 -5.29 -22.35
C ASN B 17 -4.60 -5.87 -21.02
N THR B 18 -4.04 -5.34 -19.93
CA THR B 18 -4.40 -5.69 -18.58
C THR B 18 -4.07 -7.15 -18.26
N PRO B 19 -2.81 -7.56 -18.27
CA PRO B 19 -2.49 -8.94 -17.85
C PRO B 19 -2.81 -9.14 -16.38
N SER B 20 -3.36 -10.31 -16.04
CA SER B 20 -3.77 -10.58 -14.65
C SER B 20 -2.99 -11.75 -14.08
N GLY B 21 -3.26 -12.95 -14.52
CA GLY B 21 -2.59 -14.12 -13.98
C GLY B 21 -1.34 -14.46 -14.74
N VAL B 22 -0.44 -15.13 -14.03
CA VAL B 22 0.78 -15.68 -14.60
C VAL B 22 1.07 -17.05 -14.00
N ALA B 23 1.62 -17.95 -14.81
CA ALA B 23 2.04 -19.27 -14.35
C ALA B 23 3.30 -19.63 -15.14
N VAL B 24 4.10 -20.56 -14.59
CA VAL B 24 5.34 -20.98 -15.22
C VAL B 24 5.44 -22.49 -15.07
N ASP B 25 5.78 -23.19 -16.15
CA ASP B 25 5.87 -24.65 -16.13
C ASP B 25 7.33 -25.09 -15.91
N SER B 26 7.51 -26.41 -15.81
CA SER B 26 8.83 -26.96 -15.50
C SER B 26 9.86 -26.70 -16.59
N ALA B 27 9.42 -26.39 -17.81
CA ALA B 27 10.34 -26.06 -18.90
C ALA B 27 10.63 -24.57 -18.97
N GLY B 28 10.06 -23.80 -18.05
CA GLY B 28 10.29 -22.37 -18.05
C GLY B 28 9.37 -21.58 -18.96
N THR B 29 8.36 -22.22 -19.55
CA THR B 29 7.40 -21.49 -20.37
C THR B 29 6.51 -20.67 -19.44
N VAL B 30 6.27 -19.41 -19.82
CA VAL B 30 5.48 -18.48 -19.03
C VAL B 30 4.13 -18.26 -19.71
N TYR B 31 3.05 -18.41 -18.94
CA TYR B 31 1.68 -18.29 -19.42
C TYR B 31 1.04 -17.10 -18.73
N VAL B 32 0.32 -16.27 -19.49
CA VAL B 32 -0.26 -15.04 -18.96
C VAL B 32 -1.70 -14.94 -19.43
N THR B 33 -2.60 -14.59 -18.52
CA THR B 33 -3.97 -14.26 -18.92
C THR B 33 -4.04 -12.79 -19.32
N ASP B 34 -4.34 -12.56 -20.60
CA ASP B 34 -4.44 -11.25 -21.20
C ASP B 34 -5.90 -10.83 -21.04
N HIS B 35 -6.20 -10.39 -19.81
CA HIS B 35 -7.57 -10.24 -19.32
C HIS B 35 -8.41 -9.38 -20.25
N GLY B 36 -7.84 -8.28 -20.74
CA GLY B 36 -8.60 -7.35 -21.55
C GLY B 36 -8.79 -7.75 -23.00
N ASN B 37 -8.05 -8.76 -23.45
CA ASN B 37 -8.18 -9.28 -24.81
C ASN B 37 -8.79 -10.68 -24.83
N ASN B 38 -9.27 -11.18 -23.69
CA ASN B 38 -10.01 -12.45 -23.64
C ASN B 38 -9.17 -13.62 -24.17
N ARG B 39 -7.91 -13.65 -23.81
CA ARG B 39 -7.03 -14.67 -24.35
C ARG B 39 -5.97 -15.02 -23.32
N VAL B 40 -5.31 -16.15 -23.53
CA VAL B 40 -4.18 -16.59 -22.76
C VAL B 40 -3.01 -16.76 -23.72
N VAL B 41 -1.85 -16.19 -23.37
CA VAL B 41 -0.67 -16.23 -24.23
C VAL B 41 0.49 -16.87 -23.49
N LYS B 42 1.48 -17.34 -24.25
CA LYS B 42 2.66 -17.95 -23.66
C LYS B 42 3.93 -17.58 -24.42
N LEU B 43 5.04 -17.67 -23.68
CA LEU B 43 6.37 -17.50 -24.25
C LEU B 43 7.24 -18.63 -23.73
N ALA B 44 7.82 -19.39 -24.65
CA ALA B 44 8.82 -20.37 -24.27
C ALA B 44 10.05 -19.64 -23.73
N ALA B 45 10.79 -20.33 -22.86
CA ALA B 45 12.04 -19.81 -22.32
C ALA B 45 13.00 -19.40 -23.44
N GLY B 46 13.53 -18.19 -23.32
CA GLY B 46 14.45 -17.67 -24.32
C GLY B 46 13.82 -17.31 -25.65
N SER B 47 12.51 -17.34 -25.77
CA SER B 47 11.86 -17.04 -27.04
C SER B 47 11.28 -15.64 -27.04
N THR B 48 11.15 -15.08 -28.24
CA THR B 48 10.40 -13.85 -28.48
C THR B 48 9.12 -14.13 -29.27
N ASN B 49 8.80 -15.38 -29.53
CA ASN B 49 7.63 -15.75 -30.34
C ASN B 49 6.49 -16.06 -29.40
N GLN B 50 5.65 -15.07 -29.15
CA GLN B 50 4.43 -15.27 -28.35
C GLN B 50 3.43 -16.12 -29.10
N VAL B 51 2.79 -17.04 -28.39
CA VAL B 51 1.77 -17.91 -28.96
C VAL B 51 0.49 -17.72 -28.14
N THR B 52 -0.63 -17.55 -28.83
CA THR B 52 -1.95 -17.53 -28.20
C THR B 52 -2.48 -18.96 -28.08
N LEU B 53 -2.83 -19.35 -26.86
CA LEU B 53 -3.34 -20.70 -26.63
C LEU B 53 -4.73 -20.81 -27.25
N PRO B 54 -5.07 -21.95 -27.86
CA PRO B 54 -6.34 -22.09 -28.58
C PRO B 54 -7.55 -22.44 -27.71
N PHE B 55 -7.71 -21.70 -26.60
CA PHE B 55 -8.97 -21.72 -25.88
C PHE B 55 -10.07 -21.20 -26.79
N THR B 56 -11.30 -21.56 -26.47
CA THR B 56 -12.46 -21.04 -27.17
C THR B 56 -13.51 -20.54 -26.18
N GLY B 57 -14.09 -19.38 -26.49
CA GLY B 57 -15.22 -18.87 -25.72
C GLY B 57 -14.89 -18.26 -24.39
N LEU B 58 -13.65 -17.79 -24.20
CA LEU B 58 -13.25 -17.11 -22.97
C LEU B 58 -13.89 -15.72 -22.87
N ASN B 59 -14.28 -15.38 -21.63
CA ASN B 59 -14.84 -14.07 -21.29
C ASN B 59 -14.16 -13.64 -19.98
N THR B 60 -13.22 -12.70 -20.08
CA THR B 60 -12.40 -12.23 -18.94
C THR B 60 -11.71 -13.39 -18.21
N PRO B 61 -10.77 -14.06 -18.88
CA PRO B 61 -9.94 -15.05 -18.17
C PRO B 61 -9.05 -14.33 -17.19
N HIS B 62 -8.91 -14.91 -16.01
CA HIS B 62 -8.32 -14.18 -14.91
C HIS B 62 -7.16 -14.98 -14.31
N GLY B 63 -7.42 -16.08 -13.63
CA GLY B 63 -6.35 -16.89 -13.06
C GLY B 63 -5.86 -17.93 -14.04
N VAL B 64 -4.60 -18.34 -13.88
CA VAL B 64 -4.02 -19.36 -14.75
C VAL B 64 -3.09 -20.24 -13.92
N ALA B 65 -3.06 -21.54 -14.26
CA ALA B 65 -2.16 -22.51 -13.66
C ALA B 65 -1.76 -23.51 -14.74
N VAL B 66 -0.64 -24.20 -14.52
CA VAL B 66 -0.16 -25.22 -15.47
C VAL B 66 0.32 -26.42 -14.68
N ASP B 67 -0.07 -27.63 -15.09
CA ASP B 67 0.35 -28.84 -14.39
C ASP B 67 1.62 -29.44 -15.01
N SER B 68 2.05 -30.56 -14.44
CA SER B 68 3.31 -31.19 -14.86
C SER B 68 3.24 -31.80 -16.25
N ALA B 69 2.05 -31.94 -16.81
CA ALA B 69 1.91 -32.44 -18.19
C ALA B 69 1.71 -31.30 -19.19
N GLY B 70 1.76 -30.05 -18.73
CA GLY B 70 1.55 -28.93 -19.61
C GLY B 70 0.12 -28.54 -19.86
N THR B 71 -0.84 -29.14 -19.16
CA THR B 71 -2.23 -28.74 -19.29
C THR B 71 -2.40 -27.40 -18.56
N VAL B 72 -3.15 -26.49 -19.17
CA VAL B 72 -3.29 -25.14 -18.67
C VAL B 72 -4.73 -24.92 -18.20
N TYR B 73 -4.86 -24.39 -16.98
CA TYR B 73 -6.15 -24.20 -16.30
C TYR B 73 -6.40 -22.70 -16.18
N VAL B 74 -7.65 -22.26 -16.45
CA VAL B 74 -7.96 -20.84 -16.43
C VAL B 74 -9.30 -20.63 -15.76
N THR B 75 -9.39 -19.59 -14.92
CA THR B 75 -10.70 -19.16 -14.43
C THR B 75 -11.31 -18.13 -15.37
N ASP B 76 -12.57 -18.32 -15.69
CA ASP B 76 -13.22 -17.52 -16.74
C ASP B 76 -14.41 -16.90 -16.04
N HIS B 77 -14.19 -15.82 -15.27
CA HIS B 77 -15.27 -15.38 -14.37
C HIS B 77 -16.44 -14.75 -15.12
N GLY B 78 -16.22 -14.21 -16.32
CA GLY B 78 -17.33 -13.77 -17.15
C GLY B 78 -18.33 -14.86 -17.42
N ASN B 79 -17.86 -16.09 -17.59
CA ASN B 79 -18.70 -17.24 -17.84
C ASN B 79 -18.89 -18.07 -16.58
N ASN B 80 -18.34 -17.61 -15.44
CA ASN B 80 -18.53 -18.27 -14.14
C ASN B 80 -18.06 -19.72 -14.17
N ARG B 81 -16.92 -19.98 -14.78
CA ARG B 81 -16.47 -21.36 -14.95
C ARG B 81 -14.94 -21.45 -14.94
N VAL B 82 -14.46 -22.68 -14.81
CA VAL B 82 -13.04 -23.03 -14.83
C VAL B 82 -12.84 -24.00 -15.98
N VAL B 83 -11.87 -23.73 -16.86
CA VAL B 83 -11.62 -24.60 -17.99
C VAL B 83 -10.15 -25.01 -18.01
N LYS B 84 -9.87 -26.12 -18.70
CA LYS B 84 -8.49 -26.52 -18.93
C LYS B 84 -8.29 -26.86 -20.40
N LEU B 85 -7.03 -26.78 -20.84
CA LEU B 85 -6.69 -26.99 -22.24
C LEU B 85 -5.48 -27.89 -22.30
N ALA B 86 -5.61 -28.98 -23.02
CA ALA B 86 -4.53 -29.96 -23.08
C ALA B 86 -3.36 -29.45 -23.91
N ALA B 87 -2.17 -29.92 -23.54
CA ALA B 87 -0.99 -29.54 -24.32
C ALA B 87 -0.94 -30.28 -25.66
N GLY B 88 -1.35 -31.56 -25.67
CA GLY B 88 -1.10 -32.43 -26.81
C GLY B 88 -2.19 -32.46 -27.84
N SER B 89 -3.32 -31.81 -27.55
CA SER B 89 -4.42 -31.70 -28.49
C SER B 89 -5.22 -30.46 -28.14
N ASN B 90 -6.02 -30.01 -29.10
CA ASN B 90 -6.93 -28.90 -28.91
C ASN B 90 -8.19 -29.44 -28.25
N THR B 91 -8.02 -29.90 -27.01
CA THR B 91 -9.14 -30.38 -26.18
C THR B 91 -9.25 -29.44 -25.01
N GLN B 92 -10.35 -28.67 -24.97
CA GLN B 92 -10.68 -27.83 -23.83
C GLN B 92 -11.72 -28.58 -23.02
N THR B 93 -11.56 -28.62 -21.72
CA THR B 93 -12.53 -29.28 -20.84
C THR B 93 -13.12 -28.24 -19.89
N VAL B 94 -14.44 -28.22 -19.76
CA VAL B 94 -15.08 -27.42 -18.72
C VAL B 94 -15.12 -28.28 -17.46
N LEU B 95 -14.49 -27.79 -16.41
CA LEU B 95 -14.41 -28.55 -15.17
C LEU B 95 -15.74 -28.46 -14.42
N PRO B 96 -16.15 -29.53 -13.77
CA PRO B 96 -17.47 -29.57 -13.14
C PRO B 96 -17.49 -28.98 -11.74
N PHE B 97 -16.97 -27.77 -11.60
CA PHE B 97 -17.24 -27.00 -10.39
C PHE B 97 -18.69 -26.53 -10.42
N THR B 98 -19.26 -26.40 -9.25
CA THR B 98 -20.68 -26.10 -9.15
C THR B 98 -20.93 -25.00 -8.12
N GLY B 99 -21.99 -24.22 -8.37
CA GLY B 99 -22.37 -23.14 -7.46
C GLY B 99 -21.39 -22.01 -7.31
N LEU B 100 -20.49 -21.80 -8.27
CA LEU B 100 -19.51 -20.74 -8.12
C LEU B 100 -20.14 -19.35 -8.27
N ASN B 101 -19.52 -18.38 -7.61
CA ASN B 101 -19.85 -16.98 -7.85
C ASN B 101 -18.51 -16.29 -8.04
N THR B 102 -18.06 -16.23 -9.28
CA THR B 102 -16.86 -15.51 -9.69
C THR B 102 -15.59 -16.25 -9.27
N PRO B 103 -15.23 -17.33 -9.95
CA PRO B 103 -13.94 -17.97 -9.67
C PRO B 103 -12.81 -17.02 -10.04
N SER B 104 -11.82 -16.89 -9.15
CA SER B 104 -10.72 -15.98 -9.46
C SER B 104 -9.38 -16.72 -9.54
N GLY B 105 -8.94 -17.37 -8.50
CA GLY B 105 -7.64 -18.00 -8.54
C GLY B 105 -7.79 -19.48 -8.82
N VAL B 106 -6.75 -20.05 -9.44
CA VAL B 106 -6.68 -21.47 -9.66
C VAL B 106 -5.24 -21.94 -9.46
N ALA B 107 -5.11 -23.13 -8.87
CA ALA B 107 -3.83 -23.79 -8.67
C ALA B 107 -4.02 -25.29 -8.91
N VAL B 108 -2.96 -25.96 -9.30
N VAL B 108 -2.95 -25.97 -9.29
CA VAL B 108 -3.00 -27.40 -9.53
CA VAL B 108 -2.98 -27.40 -9.51
C VAL B 108 -1.77 -28.04 -8.88
C VAL B 108 -1.77 -28.02 -8.85
N ASP B 109 -1.98 -29.14 -8.16
CA ASP B 109 -0.88 -29.83 -7.47
C ASP B 109 -0.29 -30.95 -8.32
N SER B 110 0.71 -31.64 -7.77
CA SER B 110 1.41 -32.69 -8.50
C SER B 110 0.55 -33.90 -8.79
N ALA B 111 -0.56 -34.07 -8.07
CA ALA B 111 -1.52 -35.13 -8.33
C ALA B 111 -2.63 -34.72 -9.30
N GLY B 112 -2.59 -33.48 -9.80
CA GLY B 112 -3.63 -33.02 -10.71
C GLY B 112 -4.88 -32.53 -10.01
N THR B 113 -4.87 -32.37 -8.68
CA THR B 113 -6.01 -31.76 -8.01
C THR B 113 -6.05 -30.26 -8.29
N VAL B 114 -7.23 -29.74 -8.60
CA VAL B 114 -7.40 -28.35 -9.00
C VAL B 114 -8.05 -27.61 -7.85
N TYR B 115 -7.46 -26.48 -7.47
CA TYR B 115 -7.96 -25.66 -6.35
C TYR B 115 -8.44 -24.33 -6.91
N VAL B 116 -9.63 -23.88 -6.48
CA VAL B 116 -10.21 -22.65 -7.03
C VAL B 116 -10.74 -21.79 -5.90
N THR B 117 -10.43 -20.48 -5.94
CA THR B 117 -11.07 -19.55 -5.00
C THR B 117 -12.42 -19.11 -5.58
N ASP B 118 -13.47 -19.30 -4.79
CA ASP B 118 -14.83 -18.89 -5.15
C ASP B 118 -15.04 -17.51 -4.49
N HIS B 119 -14.64 -16.48 -5.23
CA HIS B 119 -14.44 -15.12 -4.69
C HIS B 119 -15.70 -14.60 -4.03
N GLY B 120 -16.86 -14.85 -4.64
CA GLY B 120 -18.12 -14.32 -4.13
C GLY B 120 -18.80 -15.16 -3.08
N ASN B 121 -18.33 -16.39 -2.85
CA ASN B 121 -18.93 -17.27 -1.85
C ASN B 121 -18.00 -17.53 -0.67
N ASN B 122 -16.89 -16.80 -0.56
CA ASN B 122 -16.04 -16.87 0.64
C ASN B 122 -15.59 -18.30 0.93
N ARG B 123 -15.16 -19.02 -0.13
CA ARG B 123 -14.73 -20.38 0.07
C ARG B 123 -13.69 -20.74 -0.97
N VAL B 124 -12.96 -21.80 -0.68
CA VAL B 124 -12.01 -22.40 -1.62
C VAL B 124 -12.46 -23.85 -1.83
N VAL B 125 -12.55 -24.27 -3.10
CA VAL B 125 -13.04 -25.60 -3.43
C VAL B 125 -11.94 -26.32 -4.20
N LYS B 126 -12.03 -27.64 -4.22
CA LYS B 126 -11.05 -28.43 -4.95
C LYS B 126 -11.70 -29.61 -5.64
N LEU B 127 -11.09 -30.01 -6.73
CA LEU B 127 -11.57 -31.11 -7.54
C LEU B 127 -10.39 -32.04 -7.81
N ALA B 128 -10.43 -33.24 -7.26
CA ALA B 128 -9.40 -34.23 -7.57
C ALA B 128 -9.56 -34.72 -9.01
N ALA B 129 -8.44 -35.16 -9.59
CA ALA B 129 -8.47 -35.63 -10.97
C ALA B 129 -9.46 -36.79 -11.10
N GLY B 130 -10.40 -36.66 -12.03
CA GLY B 130 -11.41 -37.69 -12.22
C GLY B 130 -12.55 -37.70 -11.23
N SER B 131 -12.66 -36.69 -10.36
CA SER B 131 -13.74 -36.67 -9.39
C SER B 131 -15.08 -36.24 -10.01
N THR B 132 -16.18 -36.73 -9.42
CA THR B 132 -17.50 -36.30 -9.87
C THR B 132 -18.03 -35.05 -9.16
N ASN B 133 -17.36 -34.59 -8.09
CA ASN B 133 -17.81 -33.37 -7.40
C ASN B 133 -16.65 -32.73 -6.66
N GLN B 134 -16.72 -31.40 -6.59
CA GLN B 134 -15.79 -30.62 -5.80
C GLN B 134 -16.09 -30.82 -4.32
N VAL B 135 -15.10 -30.51 -3.49
CA VAL B 135 -15.31 -30.42 -2.06
C VAL B 135 -14.81 -29.06 -1.60
N THR B 136 -15.36 -28.60 -0.46
CA THR B 136 -14.96 -27.33 0.14
C THR B 136 -13.86 -27.57 1.15
N LEU B 137 -12.78 -26.82 1.03
CA LEU B 137 -11.72 -26.93 2.02
C LEU B 137 -12.10 -26.22 3.31
N PRO B 138 -11.65 -26.77 4.50
CA PRO B 138 -12.11 -26.25 5.79
C PRO B 138 -11.37 -25.00 6.26
N PHE B 139 -11.30 -24.00 5.39
CA PHE B 139 -10.90 -22.66 5.83
C PHE B 139 -11.98 -22.08 6.73
N THR B 140 -11.58 -21.07 7.53
CA THR B 140 -12.46 -20.42 8.49
C THR B 140 -12.44 -18.92 8.24
N GLY B 141 -13.62 -18.31 8.19
CA GLY B 141 -13.68 -16.87 8.29
C GLY B 141 -13.17 -16.12 7.10
N LEU B 142 -13.18 -16.73 5.90
CA LEU B 142 -12.68 -16.07 4.70
C LEU B 142 -13.59 -14.92 4.33
N ASN B 143 -12.99 -13.91 3.73
CA ASN B 143 -13.73 -12.76 3.21
C ASN B 143 -13.06 -12.40 1.89
N THR B 144 -13.68 -12.81 0.80
CA THR B 144 -13.23 -12.54 -0.57
C THR B 144 -11.88 -13.15 -0.91
N PRO B 145 -11.78 -14.48 -0.90
CA PRO B 145 -10.52 -15.13 -1.30
C PRO B 145 -10.26 -14.94 -2.79
N HIS B 146 -9.03 -14.60 -3.12
CA HIS B 146 -8.73 -14.18 -4.48
C HIS B 146 -7.69 -15.06 -5.14
N GLY B 147 -6.48 -15.16 -4.61
CA GLY B 147 -5.44 -15.99 -5.16
C GLY B 147 -5.25 -17.27 -4.36
N VAL B 148 -4.72 -18.29 -5.01
CA VAL B 148 -4.45 -19.56 -4.34
C VAL B 148 -3.16 -20.16 -4.91
N ALA B 149 -2.42 -20.84 -4.04
CA ALA B 149 -1.22 -21.59 -4.40
C ALA B 149 -1.16 -22.84 -3.56
N VAL B 150 -0.44 -23.85 -4.04
N VAL B 150 -0.41 -23.83 -4.03
CA VAL B 150 -0.31 -25.11 -3.32
CA VAL B 150 -0.31 -25.11 -3.34
C VAL B 150 1.14 -25.55 -3.41
C VAL B 150 1.14 -25.55 -3.41
N ASP B 151 1.70 -26.00 -2.28
CA ASP B 151 3.10 -26.39 -2.22
C ASP B 151 3.26 -27.90 -2.43
N SER B 152 4.51 -28.36 -2.43
CA SER B 152 4.81 -29.77 -2.74
C SER B 152 4.23 -30.73 -1.71
N ALA B 153 3.94 -30.26 -0.51
CA ALA B 153 3.35 -31.04 0.57
C ALA B 153 1.84 -30.96 0.59
N GLY B 154 1.24 -30.23 -0.34
CA GLY B 154 -0.20 -30.13 -0.38
C GLY B 154 -0.78 -29.03 0.49
N THR B 155 0.06 -28.19 1.10
CA THR B 155 -0.46 -27.05 1.86
C THR B 155 -1.00 -26.01 0.90
N VAL B 156 -2.19 -25.47 1.22
CA VAL B 156 -2.92 -24.55 0.36
C VAL B 156 -2.83 -23.15 0.97
N TYR B 157 -2.45 -22.19 0.15
CA TYR B 157 -2.24 -20.81 0.55
C TYR B 157 -3.24 -19.94 -0.21
N VAL B 158 -3.92 -19.02 0.48
CA VAL B 158 -4.96 -18.20 -0.13
C VAL B 158 -4.79 -16.75 0.30
N THR B 159 -4.93 -15.83 -0.66
CA THR B 159 -5.04 -14.40 -0.34
C THR B 159 -6.49 -14.10 -0.01
N ASP B 160 -6.73 -13.74 1.24
CA ASP B 160 -8.06 -13.52 1.79
C ASP B 160 -8.18 -12.01 1.86
N HIS B 161 -8.46 -11.34 0.73
CA HIS B 161 -8.17 -9.90 0.72
C HIS B 161 -9.16 -9.04 1.48
N GLY B 162 -10.40 -9.48 1.67
CA GLY B 162 -11.30 -8.75 2.54
C GLY B 162 -10.82 -8.69 3.99
N ASN B 163 -9.91 -9.60 4.36
CA ASN B 163 -9.27 -9.55 5.66
C ASN B 163 -7.81 -9.08 5.60
N ASN B 164 -7.34 -8.58 4.44
CA ASN B 164 -5.96 -8.09 4.25
C ASN B 164 -4.92 -9.09 4.72
N ARG B 165 -5.09 -10.36 4.36
CA ARG B 165 -4.23 -11.37 4.95
C ARG B 165 -4.07 -12.53 3.98
N VAL B 166 -3.10 -13.39 4.28
CA VAL B 166 -2.86 -14.64 3.57
C VAL B 166 -2.99 -15.76 4.59
N VAL B 167 -3.77 -16.77 4.25
CA VAL B 167 -4.01 -17.90 5.15
C VAL B 167 -3.49 -19.16 4.50
N LYS B 168 -3.08 -20.11 5.33
CA LYS B 168 -2.70 -21.42 4.82
C LYS B 168 -3.36 -22.54 5.60
N LEU B 169 -3.50 -23.66 4.94
CA LEU B 169 -4.14 -24.84 5.50
C LEU B 169 -3.32 -26.05 5.07
N ALA B 170 -2.75 -26.75 6.05
CA ALA B 170 -1.98 -27.95 5.76
C ALA B 170 -2.90 -29.09 5.31
N ALA B 171 -2.35 -29.99 4.50
CA ALA B 171 -3.12 -31.13 4.02
C ALA B 171 -3.56 -32.01 5.17
N GLY B 172 -4.85 -32.31 5.21
CA GLY B 172 -5.40 -33.07 6.32
C GLY B 172 -5.55 -32.29 7.60
N SER B 173 -5.61 -30.96 7.52
CA SER B 173 -5.80 -30.09 8.67
C SER B 173 -7.16 -29.40 8.60
N ASN B 174 -7.72 -29.13 9.78
CA ASN B 174 -8.94 -28.35 9.91
C ASN B 174 -8.67 -26.96 10.45
N THR B 175 -7.42 -26.68 10.82
CA THR B 175 -7.05 -25.42 11.45
C THR B 175 -6.09 -24.67 10.53
N GLN B 176 -6.56 -23.55 10.00
CA GLN B 176 -5.69 -22.72 9.21
C GLN B 176 -4.74 -21.91 10.10
N THR B 177 -3.68 -21.39 9.47
CA THR B 177 -2.75 -20.46 10.06
C THR B 177 -2.82 -19.18 9.26
N VAL B 178 -2.82 -18.04 9.92
CA VAL B 178 -2.65 -16.75 9.25
C VAL B 178 -1.16 -16.44 9.15
N LEU B 179 -0.66 -16.25 7.93
N LEU B 179 -0.66 -16.28 7.92
CA LEU B 179 0.75 -15.99 7.75
CA LEU B 179 0.76 -16.01 7.77
C LEU B 179 1.09 -14.60 8.30
C LEU B 179 1.09 -14.61 8.31
N PRO B 180 2.26 -14.44 8.95
CA PRO B 180 2.60 -13.19 9.63
C PRO B 180 3.17 -12.13 8.69
N PHE B 181 2.46 -11.86 7.59
CA PHE B 181 2.74 -10.67 6.79
C PHE B 181 2.29 -9.46 7.56
N THR B 182 2.80 -8.29 7.17
CA THR B 182 2.47 -7.06 7.85
C THR B 182 2.10 -6.00 6.83
N GLY B 183 1.05 -5.25 7.15
CA GLY B 183 0.74 -4.11 6.33
C GLY B 183 0.24 -4.42 4.94
N LEU B 184 -0.37 -5.57 4.71
CA LEU B 184 -0.91 -5.87 3.39
C LEU B 184 -2.17 -5.04 3.15
N ASN B 185 -2.34 -4.60 1.91
CA ASN B 185 -3.51 -3.83 1.50
C ASN B 185 -4.09 -4.53 0.27
N THR B 186 -5.15 -5.31 0.49
CA THR B 186 -5.88 -5.97 -0.57
C THR B 186 -4.99 -6.88 -1.44
N PRO B 187 -4.33 -7.86 -0.85
CA PRO B 187 -3.42 -8.74 -1.61
C PRO B 187 -4.17 -9.54 -2.68
N SER B 188 -3.51 -9.74 -3.82
CA SER B 188 -4.13 -10.41 -4.95
C SER B 188 -3.49 -11.78 -5.20
N GLY B 189 -2.29 -11.82 -5.68
CA GLY B 189 -1.69 -13.09 -6.04
C GLY B 189 -0.82 -13.65 -4.92
N VAL B 190 -0.67 -14.98 -4.95
CA VAL B 190 0.21 -15.69 -4.03
C VAL B 190 0.90 -16.83 -4.79
N ALA B 191 2.15 -17.10 -4.41
CA ALA B 191 2.94 -18.20 -4.94
C ALA B 191 3.83 -18.75 -3.84
N VAL B 192 4.27 -20.00 -3.98
CA VAL B 192 5.10 -20.63 -2.97
C VAL B 192 6.15 -21.45 -3.69
N ASP B 193 7.41 -21.34 -3.22
CA ASP B 193 8.52 -22.06 -3.85
C ASP B 193 8.82 -23.38 -3.15
N SER B 194 9.84 -24.08 -3.66
CA SER B 194 10.12 -25.43 -3.17
C SER B 194 10.69 -25.40 -1.75
N ALA B 195 11.13 -24.23 -1.26
CA ALA B 195 11.63 -24.09 0.10
C ALA B 195 10.56 -23.55 1.04
N GLY B 196 9.34 -23.36 0.54
CA GLY B 196 8.27 -22.91 1.39
C GLY B 196 8.21 -21.40 1.54
N THR B 197 9.03 -20.65 0.81
CA THR B 197 8.89 -19.20 0.83
C THR B 197 7.62 -18.80 0.11
N VAL B 198 6.85 -17.88 0.72
CA VAL B 198 5.57 -17.44 0.17
C VAL B 198 5.73 -16.03 -0.38
N TYR B 199 5.28 -15.83 -1.61
CA TYR B 199 5.38 -14.55 -2.33
C TYR B 199 3.95 -14.02 -2.52
N VAL B 200 3.76 -12.72 -2.32
CA VAL B 200 2.42 -12.14 -2.39
C VAL B 200 2.49 -10.81 -3.13
N THR B 201 1.57 -10.62 -4.09
N THR B 201 1.57 -10.59 -4.09
CA THR B 201 1.36 -9.31 -4.67
CA THR B 201 1.38 -9.28 -4.70
C THR B 201 0.47 -8.51 -3.73
C THR B 201 0.48 -8.46 -3.80
N ASP B 202 1.10 -7.52 -3.09
CA ASP B 202 0.42 -6.66 -2.14
C ASP B 202 -0.17 -5.52 -2.96
N HIS B 203 -1.32 -5.81 -3.57
CA HIS B 203 -1.84 -5.03 -4.69
C HIS B 203 -2.07 -3.57 -4.29
N GLY B 204 -2.66 -3.36 -3.13
CA GLY B 204 -2.98 -2.00 -2.74
C GLY B 204 -1.79 -1.16 -2.33
N ASN B 205 -0.62 -1.79 -2.12
CA ASN B 205 0.63 -1.11 -1.85
C ASN B 205 1.58 -1.18 -3.03
N ASN B 206 1.13 -1.72 -4.17
CA ASN B 206 1.90 -1.67 -5.41
C ASN B 206 3.29 -2.33 -5.27
N ARG B 207 3.36 -3.45 -4.56
CA ARG B 207 4.66 -4.09 -4.30
C ARG B 207 4.45 -5.60 -4.23
N VAL B 208 5.56 -6.33 -4.29
CA VAL B 208 5.60 -7.79 -4.14
C VAL B 208 6.48 -8.09 -2.93
N VAL B 209 5.96 -8.89 -2.00
CA VAL B 209 6.69 -9.18 -0.77
C VAL B 209 6.83 -10.68 -0.62
N LYS B 210 7.79 -11.11 0.22
CA LYS B 210 7.97 -12.52 0.49
C LYS B 210 8.27 -12.77 1.95
N LEU B 211 7.92 -13.98 2.40
N LEU B 211 8.02 -14.02 2.35
CA LEU B 211 8.23 -14.44 3.74
CA LEU B 211 8.21 -14.47 3.71
C LEU B 211 8.85 -15.83 3.60
C LEU B 211 8.83 -15.85 3.64
N ALA B 212 10.06 -15.99 4.13
CA ALA B 212 10.66 -17.31 4.22
C ALA B 212 9.84 -18.18 5.19
N ALA B 213 9.96 -19.50 5.03
CA ALA B 213 9.17 -20.39 5.89
C ALA B 213 9.57 -20.20 7.34
N GLY B 214 8.57 -19.96 8.21
CA GLY B 214 8.84 -19.73 9.62
C GLY B 214 9.22 -18.32 9.98
N SER B 215 9.44 -17.44 9.01
CA SER B 215 9.81 -16.07 9.29
C SER B 215 8.58 -15.19 9.53
N THR B 216 8.79 -14.13 10.31
CA THR B 216 7.79 -13.07 10.48
C THR B 216 8.27 -11.75 9.87
N ASN B 217 9.40 -11.76 9.19
CA ASN B 217 10.06 -10.57 8.68
C ASN B 217 9.94 -10.59 7.16
N GLN B 218 8.90 -9.94 6.64
CA GLN B 218 8.73 -9.96 5.20
C GLN B 218 9.72 -9.00 4.55
N VAL B 219 10.10 -9.34 3.32
CA VAL B 219 11.03 -8.59 2.51
C VAL B 219 10.30 -8.14 1.25
N THR B 220 10.49 -6.89 0.86
CA THR B 220 9.97 -6.39 -0.40
C THR B 220 10.96 -6.76 -1.52
N LEU B 221 10.46 -7.43 -2.57
N LEU B 221 10.47 -7.43 -2.56
CA LEU B 221 11.33 -7.78 -3.67
CA LEU B 221 11.33 -7.79 -3.67
C LEU B 221 11.69 -6.53 -4.46
C LEU B 221 11.70 -6.52 -4.46
N PRO B 222 12.94 -6.40 -4.91
CA PRO B 222 13.43 -5.17 -5.53
C PRO B 222 13.06 -5.00 -7.00
N PHE B 223 11.78 -5.17 -7.31
CA PHE B 223 11.30 -4.79 -8.63
C PHE B 223 11.34 -3.27 -8.73
N THR B 224 11.61 -2.76 -9.91
CA THR B 224 11.66 -1.33 -10.15
C THR B 224 10.64 -0.96 -11.22
N GLY B 225 10.04 0.22 -11.08
CA GLY B 225 9.13 0.72 -12.10
C GLY B 225 7.77 0.07 -12.10
N LEU B 226 7.40 -0.65 -11.04
CA LEU B 226 6.08 -1.27 -10.99
C LEU B 226 4.98 -0.23 -10.96
N ASN B 227 3.88 -0.53 -11.62
CA ASN B 227 2.74 0.36 -11.62
C ASN B 227 1.66 -0.27 -10.76
N THR B 228 1.03 -1.31 -11.25
CA THR B 228 0.01 -2.05 -10.50
C THR B 228 0.23 -3.56 -10.64
N PRO B 229 1.15 -4.14 -9.85
CA PRO B 229 1.37 -5.60 -9.90
C PRO B 229 0.15 -6.36 -9.43
N HIS B 230 -0.10 -7.52 -10.04
CA HIS B 230 -1.32 -8.27 -9.77
C HIS B 230 -1.04 -9.74 -9.53
N GLY B 231 -0.58 -10.45 -10.55
CA GLY B 231 -0.32 -11.88 -10.45
C GLY B 231 1.14 -12.17 -10.18
N VAL B 232 1.42 -13.31 -9.53
CA VAL B 232 2.77 -13.73 -9.21
C VAL B 232 2.93 -15.24 -9.39
N ALA B 233 4.12 -15.64 -9.81
CA ALA B 233 4.47 -17.05 -9.94
C ALA B 233 5.95 -17.18 -9.62
N VAL B 234 6.39 -18.38 -9.25
CA VAL B 234 7.79 -18.64 -8.95
C VAL B 234 8.15 -20.00 -9.52
N ASP B 235 9.33 -20.09 -10.14
CA ASP B 235 9.77 -21.32 -10.78
C ASP B 235 10.69 -22.11 -9.86
N SER B 236 11.16 -23.26 -10.36
CA SER B 236 12.00 -24.12 -9.53
C SER B 236 13.34 -23.49 -9.18
N ALA B 237 13.83 -22.57 -10.00
CA ALA B 237 15.08 -21.87 -9.72
C ALA B 237 14.88 -20.66 -8.82
N GLY B 238 13.65 -20.44 -8.32
CA GLY B 238 13.39 -19.28 -7.50
C GLY B 238 13.20 -17.99 -8.25
N THR B 239 13.10 -18.03 -9.58
CA THR B 239 12.80 -16.80 -10.31
C THR B 239 11.33 -16.43 -10.13
N VAL B 240 11.08 -15.14 -9.87
CA VAL B 240 9.72 -14.64 -9.57
C VAL B 240 9.24 -13.84 -10.78
N TYR B 241 8.00 -14.13 -11.21
CA TYR B 241 7.34 -13.52 -12.36
C TYR B 241 6.11 -12.76 -11.86
N VAL B 242 5.93 -11.53 -12.36
CA VAL B 242 4.86 -10.67 -11.87
C VAL B 242 4.18 -9.99 -13.06
N THR B 243 2.84 -9.98 -13.07
CA THR B 243 2.10 -9.20 -14.05
C THR B 243 1.89 -7.79 -13.52
N ASP B 244 1.98 -6.84 -14.42
CA ASP B 244 1.73 -5.46 -14.06
C ASP B 244 0.73 -4.86 -15.03
N HIS B 245 -0.52 -4.71 -14.59
CA HIS B 245 -1.52 -4.28 -15.56
C HIS B 245 -1.60 -2.78 -15.69
N GLY B 246 -0.80 -2.04 -14.95
CA GLY B 246 -0.73 -0.62 -15.19
C GLY B 246 0.17 -0.29 -16.37
N ASN B 247 1.19 -1.14 -16.60
N ASN B 247 1.20 -1.10 -16.62
CA ASN B 247 2.17 -0.96 -17.65
CA ASN B 247 2.02 -0.84 -17.80
C ASN B 247 2.03 -2.01 -18.75
C ASN B 247 2.01 -1.99 -18.78
N ASN B 248 1.01 -2.87 -18.66
CA ASN B 248 0.72 -3.90 -19.66
C ASN B 248 1.93 -4.78 -19.93
N ARG B 249 2.54 -5.28 -18.86
CA ARG B 249 3.74 -6.08 -19.07
C ARG B 249 3.91 -7.10 -17.95
N VAL B 250 4.88 -8.01 -18.17
CA VAL B 250 5.25 -9.07 -17.24
C VAL B 250 6.75 -8.96 -17.00
N VAL B 251 7.14 -8.95 -15.73
CA VAL B 251 8.54 -8.81 -15.36
C VAL B 251 8.99 -10.01 -14.55
N LYS B 252 10.29 -10.30 -14.58
CA LYS B 252 10.84 -11.36 -13.76
C LYS B 252 12.10 -10.92 -13.02
N LEU B 253 12.35 -11.60 -11.92
CA LEU B 253 13.48 -11.30 -11.05
C LEU B 253 14.09 -12.62 -10.61
N ALA B 254 15.34 -12.86 -10.99
CA ALA B 254 16.02 -14.10 -10.60
C ALA B 254 16.40 -14.06 -9.12
N ALA B 255 16.49 -15.25 -8.51
CA ALA B 255 16.93 -15.40 -7.13
C ALA B 255 18.40 -15.01 -6.94
ZN ZN C . -1.39 23.66 7.80
ZN ZN D . -2.29 28.59 10.99
ZN ZN E . -6.61 24.70 5.17
ZN ZN F . 0.48 27.38 3.54
C1 IPA G . -7.96 27.08 4.28
C2 IPA G . -6.73 27.49 4.90
C3 IPA G . -6.49 28.97 5.13
O2 IPA G . -5.96 26.57 5.47
C1 IPA H . -3.60 31.00 10.32
C2 IPA H . -3.79 30.20 9.10
C3 IPA H . -3.95 30.91 7.76
O2 IPA H . -2.99 29.12 9.21
C1 IPA I . 0.04 31.27 6.34
C2 IPA I . 0.34 30.51 7.59
C3 IPA I . -0.41 31.19 8.72
O2 IPA I . 0.11 29.11 7.53
C1 IPA J . 6.27 35.12 -2.70
C2 IPA J . 6.73 34.83 -1.28
C3 IPA J . 5.60 35.06 -0.29
O2 IPA J . 7.14 33.47 -1.22
C1 IPA K . -3.26 26.01 2.59
C2 IPA K . -3.82 27.40 2.30
C3 IPA K . -5.07 27.35 1.46
O2 IPA K . -2.87 28.12 1.57
C1 IPA L . -2.69 30.30 3.96
C2 IPA L . -1.28 29.78 3.76
C3 IPA L . -0.71 30.28 2.44
O2 IPA L . -1.15 28.39 3.96
C1 IPA M . -6.39 28.01 9.53
C2 IPA M . -7.01 27.13 8.45
C3 IPA M . -8.36 27.69 8.07
O2 IPA M . -7.05 25.79 8.84
C1 GOL N . -6.92 31.10 10.77
O1 GOL N . -8.02 30.97 9.87
C2 GOL N . -7.08 32.46 11.47
O2 GOL N . -7.49 33.11 10.90
C3 GOL N . -5.78 32.91 12.19
O3 GOL N . -5.95 32.65 13.56
ZN ZN O . -6.42 -11.66 -9.65
ZN ZN P . -10.81 -10.61 -13.61
ZN ZN Q . -5.16 -5.90 -10.30
ZN ZN R . -10.38 -10.08 -5.49
C1 IPA S . -9.15 -4.58 -9.92
C2 IPA S . -7.71 -4.69 -10.42
C3 IPA S . -6.79 -3.56 -10.20
O2 IPA S . -7.10 -5.89 -10.22
C1 IPA T . -12.27 -7.58 -5.30
C2 IPA T . -11.77 -7.77 -6.70
C3 IPA T . -11.66 -6.45 -7.44
O2 IPA T . -10.59 -8.53 -6.68
C1 IPA U . -12.77 -8.28 -14.00
C2 IPA U . -11.78 -7.92 -12.90
C3 IPA U . -12.32 -7.05 -11.77
O2 IPA U . -11.04 -9.01 -12.46
C1 IPA V . -7.49 -5.17 -13.79
C2 IPA V . -8.06 -6.53 -14.15
C3 IPA V . -7.44 -7.64 -13.31
O2 IPA V . -9.43 -6.45 -13.90
C1 IPA W . -7.42 -7.45 -5.23
C2 IPA W . -7.70 -6.81 -6.58
C3 IPA W . -7.88 -5.29 -6.46
O2 IPA W . -6.62 -7.08 -7.41
C1 IPA X . -12.08 -11.29 -9.52
C2 IPA X . -12.89 -10.03 -9.79
C3 IPA X . -13.96 -10.30 -10.85
O2 IPA X . -13.53 -9.62 -8.61
#